data_1J9N
#
_entry.id   1J9N
#
_cell.length_a   ?
_cell.length_b   ?
_cell.length_c   ?
_cell.angle_alpha   ?
_cell.angle_beta   ?
_cell.angle_gamma   ?
#
loop_
_entity.id
_entity.type
_entity.pdbx_description
1 polymer "5'-D(*GP*CP*TP*AP*CP*(PGN))-3'"
2 polymer "5'-D(*CP*GP*TP*AP*GP*C)-3'"
3 polymer 'peptide ACE-LYS-TRP-LYS-HSE-ALA'
#
loop_
_entity_poly.entity_id
_entity_poly.type
_entity_poly.pdbx_seq_one_letter_code
_entity_poly.pdbx_strand_id
1 'polydeoxyribonucleotide' (DG)(DC)(DT)(DA)(DC)(PGN) A
2 'polydeoxyribonucleotide' (DC)(DG)(DT)(DA)(DG)(DC) B
3 'polypeptide(L)' (ACE)KWK(HSE)A C
#
loop_
_chem_comp.id
_chem_comp.type
_chem_comp.name
_chem_comp.formula
ACE non-polymer 'ACETYL GROUP' 'C2 H4 O'
DA DNA linking 2'-DEOXYADENOSINE-5'-MONOPHOSPHATE 'C10 H14 N5 O6 P'
DC DNA linking 2'-DEOXYCYTIDINE-5'-MONOPHOSPHATE 'C9 H14 N3 O7 P'
DG DNA linking 2'-DEOXYGUANOSINE-5'-MONOPHOSPHATE 'C10 H14 N5 O7 P'
DT DNA linking THYMIDINE-5'-MONOPHOSPHATE 'C10 H15 N2 O8 P'
PGN DNA linking 2'-DEOXYGUANOSINE-3',5'-DIPHOSPHATE 'C10 H15 N5 O10 P2'
#
# COMPACT_ATOMS: atom_id res chain seq x y z
P1 PGN A 6 -3.30 -0.93 -3.68
O4P PGN A 6 -2.05 -1.20 -4.43
O5P PGN A 6 -4.51 -1.73 -4.01
P PGN A 6 -8.36 1.73 -2.14
OP1 PGN A 6 -9.36 1.35 -3.16
OP2 PGN A 6 -7.56 0.67 -1.47
O5' PGN A 6 -7.34 2.80 -2.81
C5' PGN A 6 -6.73 2.63 -4.09
C4' PGN A 6 -5.21 2.48 -3.97
O4' PGN A 6 -4.63 3.62 -3.37
C3' PGN A 6 -4.77 1.23 -3.21
O3' PGN A 6 -3.67 0.62 -3.87
C2' PGN A 6 -4.31 1.86 -1.91
C1' PGN A 6 -3.71 3.15 -2.42
N9 PGN A 6 -3.40 4.15 -1.38
C8 PGN A 6 -3.56 4.00 -0.05
N7 PGN A 6 -2.95 4.89 0.70
C5 PGN A 6 -2.39 5.74 -0.24
C6 PGN A 6 -1.58 6.91 -0.05
O6 PGN A 6 -1.16 7.37 1.01
N1 PGN A 6 -1.26 7.54 -1.25
C2 PGN A 6 -1.66 7.10 -2.49
N2 PGN A 6 -1.25 7.84 -3.52
N3 PGN A 6 -2.37 5.97 -2.68
C4 PGN A 6 -2.70 5.34 -1.53
H5' PGN A 6 -6.95 3.50 -4.69
H5'' PGN A 6 -7.14 1.75 -4.59
H4' PGN A 6 -4.77 2.42 -4.95
H3' PGN A 6 -5.61 0.53 -3.12
H2' PGN A 6 -5.15 2.06 -1.28
H2'' PGN A 6 -3.54 1.32 -1.37
H1' PGN A 6 -2.79 2.81 -2.88
H8 PGN A 6 -4.12 3.16 0.29
HN1 PGN A 6 -0.66 8.35 -1.17
HN21 PGN A 6 -0.65 8.63 -3.36
HN22 PGN A 6 -1.49 7.55 -4.46
C ACE C 1 7.40 2.90 -1.49
O ACE C 1 7.66 3.66 -2.42
CH3 ACE C 1 8.52 2.34 -0.62
H1 ACE C 1 8.30 1.29 -0.38
H2 ACE C 1 8.57 2.91 0.32
H3 ACE C 1 9.48 2.41 -1.14
N LYS C 2 6.17 2.49 -1.15
CA LYS C 2 4.95 2.70 -1.93
C LYS C 2 3.72 2.62 -1.01
N TRP C 3 3.49 3.72 -0.29
CA TRP C 3 2.44 3.98 0.71
C TRP C 3 1.99 2.70 1.47
N LYS C 4 0.73 2.26 1.35
CA LYS C 4 0.14 1.18 2.14
C LYS C 4 -1.17 0.67 1.53
N HSE C 5 -1.29 -0.66 1.50
CA HSE C 5 -2.26 -1.53 0.84
C HSE C 5 -2.59 -2.74 1.73
C3 HSE C 5 -1.59 -2.02 -0.44
O HSE C 5 -1.96 -2.99 2.76
C4 HSE C 5 -1.74 -0.93 -1.52
O3 HSE C 5 -3.02 -1.09 -2.10
H HSE C 5 -0.46 -1.18 1.63
HA HSE C 5 -3.16 -0.98 0.62
H31 HSE C 5 -0.55 -2.29 -0.26
H32 HSE C 5 -2.05 -2.91 -0.81
H41 HSE C 5 -1.62 0.02 -1.02
H42 HSE C 5 -0.96 -1.03 -2.27
N ALA C 6 -3.57 -3.52 1.26
CA ALA C 6 -3.91 -4.87 1.72
C ALA C 6 -2.67 -5.76 1.76
P1 PGN A 6 -2.57 -1.12 -3.17
O4P PGN A 6 -1.28 -1.20 -3.90
O5P PGN A 6 -3.66 -2.07 -3.51
P PGN A 6 -8.45 1.08 -1.55
OP1 PGN A 6 -9.24 0.86 -2.79
OP2 PGN A 6 -8.46 0.04 -0.48
O5' PGN A 6 -6.92 1.33 -1.98
C5' PGN A 6 -6.55 1.84 -3.24
C4' PGN A 6 -5.02 1.94 -3.35
O4' PGN A 6 -4.56 3.18 -2.84
C3' PGN A 6 -4.31 0.79 -2.62
O3' PGN A 6 -3.15 0.37 -3.32
C2' PGN A 6 -3.92 1.54 -1.34
C1' PGN A 6 -3.53 2.88 -1.92
N9 PGN A 6 -3.31 3.97 -0.95
C8 PGN A 6 -3.44 3.89 0.40
N7 PGN A 6 -2.83 4.82 1.08
C5 PGN A 6 -2.31 5.65 0.08
C6 PGN A 6 -1.53 6.83 0.18
O6 PGN A 6 -1.05 7.37 1.19
N1 PGN A 6 -1.30 7.43 -1.05
C2 PGN A 6 -1.74 6.91 -2.25
N2 PGN A 6 -1.43 7.60 -3.34
N3 PGN A 6 -2.41 5.74 -2.37
C4 PGN A 6 -2.67 5.16 -1.17
H5' PGN A 6 -7.01 2.82 -3.40
H5'' PGN A 6 -6.92 1.15 -4.01
H4' PGN A 6 -4.73 1.90 -4.38
H3' PGN A 6 -5.00 -0.05 -2.47
H2' PGN A 6 -4.76 1.64 -0.68
H2'' PGN A 6 -3.06 1.14 -0.84
H1' PGN A 6 -2.58 2.65 -2.39
H8 PGN A 6 -4.01 3.06 0.77
HN1 PGN A 6 -0.73 8.25 -1.06
HN21 PGN A 6 -0.83 8.40 -3.24
HN22 PGN A 6 -1.71 7.27 -4.25
C ACE C 1 4.01 0.14 -0.65
O ACE C 1 4.70 0.29 0.35
CH3 ACE C 1 3.11 -1.07 -0.77
H1 ACE C 1 2.18 -0.82 -1.29
H2 ACE C 1 3.62 -1.86 -1.34
H3 ACE C 1 2.86 -1.46 0.21
N LYS C 2 3.96 1.01 -1.67
CA LYS C 2 4.54 2.36 -1.76
C LYS C 2 4.27 3.25 -0.52
N TRP C 3 3.14 3.00 0.16
CA TRP C 3 2.51 3.77 1.21
C TRP C 3 1.83 2.78 2.19
N LYS C 4 0.62 2.27 1.88
CA LYS C 4 -0.21 1.54 2.83
C LYS C 4 -1.29 0.71 2.10
N HSE C 5 -1.10 -0.62 2.08
CA HSE C 5 -1.74 -1.68 1.32
C HSE C 5 -1.92 -2.94 2.19
C3 HSE C 5 -0.84 -2.00 0.14
O HSE C 5 -1.50 -2.98 3.36
C4 HSE C 5 -1.04 -0.95 -0.95
O3 HSE C 5 -2.28 -1.26 -1.58
H HSE C 5 -0.18 -0.97 2.35
HA HSE C 5 -2.71 -1.31 0.96
H31 HSE C 5 0.20 -2.13 0.46
H32 HSE C 5 -1.10 -2.94 -0.29
H41 HSE C 5 -1.06 0.02 -0.47
H42 HSE C 5 -0.26 -0.95 -1.68
N ALA C 6 -2.57 -3.96 1.63
CA ALA C 6 -3.00 -5.18 2.29
C ALA C 6 -3.21 -6.27 1.24
P1 PGN A 6 -4.45 0.09 -5.59
O4P PGN A 6 -3.37 -0.05 -6.58
O5P PGN A 6 -5.76 -0.55 -5.86
P PGN A 6 -9.30 3.25 -2.38
OP1 PGN A 6 -9.78 4.60 -1.95
OP2 PGN A 6 -10.13 2.45 -3.31
O5' PGN A 6 -7.83 3.40 -3.01
C5' PGN A 6 -7.58 3.79 -4.35
C4' PGN A 6 -6.09 3.57 -4.68
O4' PGN A 6 -5.28 4.49 -3.97
C3' PGN A 6 -5.62 2.14 -4.37
O3' PGN A 6 -4.72 1.66 -5.36
C2' PGN A 6 -4.87 2.41 -3.08
C1' PGN A 6 -4.25 3.75 -3.36
N9 PGN A 6 -3.69 4.44 -2.19
C8 PGN A 6 -3.65 3.96 -0.91
N7 PGN A 6 -2.95 4.66 -0.07
C5 PGN A 6 -2.46 5.70 -0.86
C6 PGN A 6 -1.57 6.76 -0.51
O6 PGN A 6 -1.06 6.98 0.58
N1 PGN A 6 -1.31 7.59 -1.59
C2 PGN A 6 -1.84 7.44 -2.85
N2 PGN A 6 -1.49 8.36 -3.75
N3 PGN A 6 -2.66 6.43 -3.19
C4 PGN A 6 -2.93 5.59 -2.15
H5' PGN A 6 -7.85 4.84 -4.49
H5'' PGN A 6 -8.18 3.18 -5.03
H4' PGN A 6 -5.91 3.74 -5.71
H3' PGN A 6 -6.49 1.47 -4.27
H2' PGN A 6 -5.56 2.46 -2.26
H2'' PGN A 6 -4.06 1.73 -2.87
H1' PGN A 6 -3.46 3.51 -4.06
H8 PGN A 6 -4.17 3.05 -0.69
HN1 PGN A 6 -0.66 8.36 -1.42
HN21 PGN A 6 -0.80 9.06 -3.51
HN22 PGN A 6 -1.87 8.31 -4.69
C ACE C 1 4.57 -0.82 -4.28
O ACE C 1 5.50 -0.56 -5.03
CH3 ACE C 1 4.16 -2.27 -4.03
H1 ACE C 1 5.00 -2.93 -4.24
H2 ACE C 1 3.88 -2.40 -2.98
H3 ACE C 1 3.31 -2.53 -4.66
N LYS C 2 3.81 0.10 -3.67
CA LYS C 2 3.77 1.53 -3.94
C LYS C 2 3.38 2.25 -2.63
N TRP C 3 2.11 2.11 -2.23
CA TRP C 3 1.47 2.82 -1.12
C TRP C 3 0.17 2.12 -0.69
N LYS C 4 0.35 1.15 0.24
CA LYS C 4 -0.63 0.30 0.95
C LYS C 4 -1.96 -0.01 0.21
N HSE C 5 -1.86 -0.80 -0.86
CA HSE C 5 -2.89 -1.56 -1.54
C HSE C 5 -3.29 -2.83 -0.79
C3 HSE C 5 -2.41 -1.84 -2.97
O HSE C 5 -2.58 -3.29 0.12
C4 HSE C 5 -2.56 -0.54 -3.78
O3 HSE C 5 -3.94 -0.46 -4.15
H HSE C 5 -0.96 -1.11 -1.19
HA HSE C 5 -3.79 -0.95 -1.58
H31 HSE C 5 -1.40 -2.26 -2.96
H32 HSE C 5 -3.03 -2.57 -3.44
H41 HSE C 5 -2.25 0.30 -3.17
H42 HSE C 5 -1.95 -0.54 -4.66
N ALA C 6 -4.43 -3.39 -1.20
CA ALA C 6 -5.19 -4.46 -0.54
C ALA C 6 -5.19 -4.32 0.98
P1 PGN A 6 -2.95 -0.29 -4.37
O4P PGN A 6 -1.71 -0.49 -5.17
O5P PGN A 6 -4.15 -1.12 -4.69
P PGN A 6 -8.06 1.97 -2.72
OP1 PGN A 6 -9.01 1.54 -3.77
OP2 PGN A 6 -7.19 0.97 -2.06
O5' PGN A 6 -7.14 3.16 -3.33
C5' PGN A 6 -6.53 3.12 -4.61
C4' PGN A 6 -5.00 3.06 -4.50
O4' PGN A 6 -4.50 4.19 -3.83
C3' PGN A 6 -4.51 1.78 -3.82
O3' PGN A 6 -3.37 1.25 -4.50
C2' PGN A 6 -4.09 2.36 -2.48
C1' PGN A 6 -3.55 3.71 -2.91
N9 PGN A 6 -3.29 4.65 -1.80
C8 PGN A 6 -3.44 4.39 -0.48
N7 PGN A 6 -2.83 5.20 0.32
C5 PGN A 6 -2.24 6.13 -0.55
C6 PGN A 6 -1.42 7.26 -0.27
O6 PGN A 6 -1.00 7.64 0.82
N1 PGN A 6 -1.08 7.96 -1.41
C2 PGN A 6 -1.50 7.63 -2.69
N2 PGN A 6 -1.13 8.46 -3.66
N3 PGN A 6 -2.23 6.54 -2.96
C4 PGN A 6 -2.57 5.82 -1.85
H5' PGN A 6 -6.81 4.02 -5.16
H5'' PGN A 6 -6.88 2.25 -5.17
H4' PGN A 6 -4.57 3.08 -5.48
H3' PGN A 6 -5.32 1.04 -3.76
H2' PGN A 6 -4.95 2.49 -1.85
H2'' PGN A 6 -3.32 1.82 -1.96
H1' PGN A 6 -2.62 3.46 -3.39
H8 PGN A 6 -4.03 3.53 -0.19
HN1 PGN A 6 -0.47 8.76 -1.28
HN21 PGN A 6 -0.54 9.26 -3.44
HN22 PGN A 6 -1.44 8.30 -4.60
C ACE C 1 5.88 0.18 -2.07
O ACE C 1 5.16 -0.49 -2.81
CH3 ACE C 1 7.18 -0.41 -1.51
H1 ACE C 1 8.01 0.28 -1.68
H2 ACE C 1 7.39 -1.35 -2.01
H3 ACE C 1 7.06 -0.58 -0.45
N LYS C 2 5.64 1.45 -1.73
CA LYS C 2 4.65 2.35 -2.32
C LYS C 2 4.19 3.34 -1.24
N TRP C 3 2.95 3.15 -0.80
CA TRP C 3 2.20 3.96 0.16
C TRP C 3 1.01 3.14 0.71
N LYS C 4 1.36 2.21 1.61
CA LYS C 4 0.57 1.26 2.40
C LYS C 4 -0.75 0.76 1.78
N HSE C 5 -0.67 -0.08 0.74
CA HSE C 5 -1.66 -0.97 0.15
C HSE C 5 -2.00 -2.18 1.05
C3 HSE C 5 -1.11 -1.41 -1.20
O HSE C 5 -1.35 -2.44 2.05
C4 HSE C 5 -1.35 -0.29 -2.23
O3 HSE C 5 -2.63 -0.51 -2.80
H HSE C 5 0.24 -0.28 0.34
HA HSE C 5 -2.59 -0.40 0.01
H31 HSE C 5 -0.08 -1.74 -1.12
H32 HSE C 5 -1.64 -2.28 -1.57
H41 HSE C 5 -1.29 0.68 -1.74
H42 HSE C 5 -0.59 -0.32 -3.00
N ALA C 6 -3.05 -2.89 0.65
CA ALA C 6 -3.71 -3.95 1.40
C ALA C 6 -4.45 -4.88 0.42
P1 PGN A 6 -3.73 -0.62 -4.40
O4P PGN A 6 -2.55 -0.84 -5.27
O5P PGN A 6 -4.95 -1.40 -4.68
P PGN A 6 -8.52 1.87 -2.26
OP1 PGN A 6 -9.60 1.43 -3.18
OP2 PGN A 6 -7.60 0.87 -1.68
O5' PGN A 6 -7.68 3.07 -2.97
C5' PGN A 6 -7.18 3.00 -4.30
C4' PGN A 6 -5.64 2.84 -4.32
O4' PGN A 6 -5.02 3.92 -3.64
C3' PGN A 6 -5.17 1.51 -3.73
O3' PGN A 6 -4.12 0.95 -4.51
C2' PGN A 6 -4.61 2.01 -2.41
C1' PGN A 6 -4.04 3.36 -2.82
N9 PGN A 6 -3.63 4.21 -1.69
C8 PGN A 6 -3.65 3.86 -0.37
N7 PGN A 6 -2.96 4.63 0.42
C5 PGN A 6 -2.46 5.60 -0.44
C6 PGN A 6 -1.59 6.70 -0.16
O6 PGN A 6 -1.09 7.04 0.91
N1 PGN A 6 -1.33 7.46 -1.30
C2 PGN A 6 -1.82 7.18 -2.56
N2 PGN A 6 -1.46 8.06 -3.51
N3 PGN A 6 -2.59 6.13 -2.84
C4 PGN A 6 -2.88 5.37 -1.74
H5' PGN A 6 -7.43 3.92 -4.81
H5'' PGN A 6 -7.64 2.17 -4.84
H4' PGN A 6 -5.29 2.87 -5.34
H3' PGN A 6 -6.01 0.81 -3.66
H2' PGN A 6 -5.40 2.15 -1.70
H2'' PGN A 6 -3.81 1.42 -2.01
H1' PGN A 6 -3.17 3.06 -3.38
H8 PGN A 6 -4.20 2.99 -0.10
HN1 PGN A 6 -0.72 8.26 -1.17
HN21 PGN A 6 -0.82 8.80 -3.27
HN22 PGN A 6 -1.83 7.93 -4.44
C ACE C 1 3.05 0.00 -3.38
O ACE C 1 3.79 -0.32 -2.45
CH3 ACE C 1 1.86 -0.89 -3.77
H1 ACE C 1 2.22 -1.79 -4.28
H2 ACE C 1 1.18 -0.35 -4.43
H3 ACE C 1 1.32 -1.19 -2.86
N LYS C 2 3.19 1.13 -4.09
CA LYS C 2 4.01 2.32 -3.80
C LYS C 2 3.81 2.86 -2.36
N TRP C 3 2.64 2.57 -1.79
CA TRP C 3 2.04 3.05 -0.56
C TRP C 3 1.14 1.90 -0.01
N LYS C 4 0.61 2.10 1.21
CA LYS C 4 -0.30 1.28 2.01
C LYS C 4 -1.58 0.73 1.32
N HSE C 5 -1.37 -0.32 0.52
CA HSE C 5 -2.28 -1.34 0.05
C HSE C 5 -2.43 -2.47 1.10
C3 HSE C 5 -1.75 -1.83 -1.31
O HSE C 5 -1.92 -2.37 2.21
C4 HSE C 5 -1.97 -0.75 -2.39
O3 HSE C 5 -3.30 -0.89 -2.86
H HSE C 5 -0.43 -0.58 0.28
HA HSE C 5 -3.27 -0.89 -0.11
H31 HSE C 5 -0.72 -2.20 -1.22
H32 HSE C 5 -2.31 -2.68 -1.64
H41 HSE C 5 -1.80 0.24 -1.97
H42 HSE C 5 -1.29 -0.87 -3.21
N ALA C 6 -3.15 -3.53 0.72
CA ALA C 6 -3.24 -4.82 1.39
C ALA C 6 -1.87 -5.38 1.78
P1 PGN A 6 -3.94 -0.84 -4.23
O4P PGN A 6 -2.79 -1.13 -5.11
O5P PGN A 6 -5.22 -1.53 -4.48
P PGN A 6 -9.05 2.62 -2.03
OP1 PGN A 6 -9.52 4.02 -1.91
OP2 PGN A 6 -9.81 1.67 -2.86
O5' PGN A 6 -7.52 2.65 -2.56
C5' PGN A 6 -7.17 2.94 -3.89
C4' PGN A 6 -5.65 2.71 -4.08
O4' PGN A 6 -4.91 3.75 -3.47
C3' PGN A 6 -5.20 1.36 -3.50
O3' PGN A 6 -4.23 0.75 -4.31
C2' PGN A 6 -4.57 1.85 -2.21
C1' PGN A 6 -3.92 3.14 -2.66
N9 PGN A 6 -3.51 4.03 -1.55
C8 PGN A 6 -3.56 3.75 -0.23
N7 PGN A 6 -2.89 4.58 0.53
C5 PGN A 6 -2.39 5.52 -0.37
C6 PGN A 6 -1.57 6.67 -0.15
O6 PGN A 6 -1.07 7.05 0.91
N1 PGN A 6 -1.33 7.38 -1.32
C2 PGN A 6 -1.81 7.02 -2.55
N2 PGN A 6 -1.48 7.81 -3.58
N3 PGN A 6 -2.55 5.93 -2.77
C4 PGN A 6 -2.82 5.21 -1.65
H5' PGN A 6 -7.42 3.97 -4.14
H5'' PGN A 6 -7.70 2.27 -4.56
H4' PGN A 6 -5.39 2.71 -5.11
H3' PGN A 6 -6.08 0.70 -3.37
H2' PGN A 6 -5.33 2.05 -1.47
H2'' PGN A 6 -3.79 1.23 -1.80
H1' PGN A 6 -3.06 2.81 -3.21
H8 PGN A 6 -4.12 2.89 0.10
HN1 PGN A 6 -0.72 8.17 -1.23
HN21 PGN A 6 -0.82 8.57 -3.42
HN22 PGN A 6 -1.82 7.60 -4.50
C ACE C 1 5.72 6.30 -1.58
O ACE C 1 4.53 6.50 -1.85
CH3 ACE C 1 6.64 7.48 -1.20
H1 ACE C 1 6.08 8.41 -1.27
H2 ACE C 1 7.49 7.51 -1.88
H3 ACE C 1 6.98 7.35 -0.17
N LYS C 2 6.31 5.11 -1.56
CA LYS C 2 5.69 3.78 -1.62
C LYS C 2 4.80 3.55 -0.39
N TRP C 3 3.55 4.00 -0.54
CA TRP C 3 2.35 3.67 0.25
C TRP C 3 2.05 2.15 0.24
N LYS C 4 1.00 1.78 0.99
CA LYS C 4 0.79 0.47 1.59
C LYS C 4 -0.71 0.10 1.50
N HSE C 5 -0.98 -0.79 0.54
CA HSE C 5 -2.18 -1.55 0.25
C HSE C 5 -2.45 -2.63 1.30
C3 HSE C 5 -2.00 -2.13 -1.16
O HSE C 5 -1.57 -3.00 2.09
C4 HSE C 5 -2.20 -1.04 -2.22
O3 HSE C 5 -3.53 -1.12 -2.69
H HSE C 5 -0.23 -1.11 -0.05
HA HSE C 5 -3.03 -0.87 0.28
H31 HSE C 5 -1.02 -2.61 -1.24
H32 HSE C 5 -2.71 -2.89 -1.36
H41 HSE C 5 -1.95 -0.09 -1.76
H42 HSE C 5 -1.51 -1.21 -3.03
N ALA C 6 -3.69 -3.12 1.28
CA ALA C 6 -4.34 -3.93 2.29
C ALA C 6 -4.25 -3.26 3.67
P1 PGN A 6 -4.68 0.37 -5.71
O4P PGN A 6 -3.57 0.26 -6.69
O5P PGN A 6 -6.02 -0.15 -6.10
P PGN A 6 -9.42 3.34 -2.25
OP1 PGN A 6 -9.98 4.65 -1.85
OP2 PGN A 6 -10.15 2.49 -3.21
O5' PGN A 6 -7.94 3.58 -2.86
C5' PGN A 6 -7.69 4.04 -4.18
C4' PGN A 6 -6.21 3.81 -4.55
O4' PGN A 6 -5.35 4.67 -3.84
C3' PGN A 6 -5.77 2.36 -4.32
O3' PGN A 6 -4.87 1.93 -5.35
C2' PGN A 6 -5.01 2.55 -3.02
C1' PGN A 6 -4.34 3.88 -3.28
N9 PGN A 6 -3.77 4.52 -2.08
C8 PGN A 6 -3.78 4.06 -0.81
N7 PGN A 6 -3.11 4.76 0.05
C5 PGN A 6 -2.57 5.77 -0.73
C6 PGN A 6 -1.67 6.84 -0.37
O6 PGN A 6 -1.18 7.08 0.73
N1 PGN A 6 -1.36 7.64 -1.46
C2 PGN A 6 -1.84 7.47 -2.74
N2 PGN A 6 -1.41 8.31 -3.66
N3 PGN A 6 -2.66 6.46 -3.08
C4 PGN A 6 -2.99 5.65 -2.04
H5' PGN A 6 -7.93 5.10 -4.25
H5'' PGN A 6 -8.33 3.49 -4.88
H4' PGN A 6 -6.06 4.01 -5.60
H3' PGN A 6 -6.64 1.69 -4.26
H2' PGN A 6 -5.69 2.62 -2.19
H2'' PGN A 6 -4.22 1.84 -2.82
H1' PGN A 6 -3.54 3.62 -3.97
H8 PGN A 6 -4.32 3.16 -0.60
HN1 PGN A 6 -0.69 8.39 -1.27
HN21 PGN A 6 -0.69 8.98 -3.40
HN22 PGN A 6 -1.74 8.25 -4.62
C ACE C 1 5.13 -0.86 -3.40
O ACE C 1 5.73 -0.07 -4.14
CH3 ACE C 1 5.72 -2.23 -3.10
H1 ACE C 1 5.21 -2.99 -3.69
H2 ACE C 1 6.78 -2.25 -3.34
H3 ACE C 1 5.61 -2.46 -2.04
N LYS C 2 3.95 -0.61 -2.84
CA LYS C 2 3.03 0.50 -3.07
C LYS C 2 2.24 0.73 -1.77
N TRP C 3 1.90 2.00 -1.54
CA TRP C 3 1.04 2.57 -0.50
C TRP C 3 -0.29 1.82 -0.27
N LYS C 4 -0.23 0.77 0.56
CA LYS C 4 -1.26 -0.17 1.03
C LYS C 4 -2.54 -0.30 0.17
N HSE C 5 -2.41 -1.01 -0.95
CA HSE C 5 -3.42 -1.65 -1.77
C HSE C 5 -3.92 -2.97 -1.14
C3 HSE C 5 -2.85 -1.85 -3.17
O HSE C 5 -3.32 -3.51 -0.21
C4 HSE C 5 -2.91 -0.50 -3.91
O3 HSE C 5 -4.25 -0.32 -4.32
H HSE C 5 -1.49 -1.31 -1.26
HA HSE C 5 -4.28 -0.99 -1.82
H31 HSE C 5 -1.87 -2.31 -3.13
H32 HSE C 5 -3.46 -2.52 -3.73
H41 HSE C 5 -2.58 0.27 -3.21
H42 HSE C 5 -2.25 -0.47 -4.76
N ALA C 6 -5.06 -3.44 -1.67
CA ALA C 6 -5.82 -4.57 -1.17
C ALA C 6 -6.77 -5.05 -2.27
P1 PGN A 6 -4.29 -0.39 -4.82
O4P PGN A 6 -3.22 -0.64 -5.81
O5P PGN A 6 -5.60 -1.05 -5.00
P PGN A 6 -8.89 2.39 -2.16
OP1 PGN A 6 -10.05 2.38 -3.06
OP2 PGN A 6 -8.23 1.12 -1.77
O5' PGN A 6 -7.78 3.38 -2.79
C5' PGN A 6 -7.43 3.38 -4.17
C4' PGN A 6 -5.93 3.14 -4.37
O4' PGN A 6 -5.16 4.16 -3.74
C3' PGN A 6 -5.47 1.77 -3.85
O3' PGN A 6 -4.54 1.20 -4.75
C2' PGN A 6 -4.77 2.20 -2.57
C1' PGN A 6 -4.17 3.52 -2.99
N9 PGN A 6 -3.69 4.37 -1.89
C8 PGN A 6 -3.71 4.06 -0.57
N7 PGN A 6 -3.03 4.88 0.20
C5 PGN A 6 -2.54 5.82 -0.70
C6 PGN A 6 -1.71 6.96 -0.47
O6 PGN A 6 -1.19 7.33 0.58
N1 PGN A 6 -1.45 7.68 -1.64
C2 PGN A 6 -1.96 7.35 -2.88
N2 PGN A 6 -1.60 8.14 -3.89
N3 PGN A 6 -2.73 6.26 -3.10
C4 PGN A 6 -2.98 5.54 -1.97
H5' PGN A 6 -7.71 4.35 -4.60
H5'' PGN A 6 -7.99 2.60 -4.70
H4' PGN A 6 -5.68 3.18 -5.41
H3' PGN A 6 -6.34 1.11 -3.70
H2' PGN A 6 -5.49 2.34 -1.80
H2'' PGN A 6 -3.97 1.55 -2.25
H1' PGN A 6 -3.32 3.23 -3.61
H8 PGN A 6 -4.23 3.19 -0.25
HN1 PGN A 6 -0.81 8.45 -1.55
HN21 PGN A 6 -0.93 8.89 -3.72
HN22 PGN A 6 -1.94 7.96 -4.82
C ACE C 1 5.75 0.26 -3.33
O ACE C 1 6.60 1.12 -3.52
CH3 ACE C 1 6.07 -1.21 -3.59
H1 ACE C 1 6.27 -1.71 -2.64
H2 ACE C 1 5.24 -1.69 -4.08
H3 ACE C 1 6.96 -1.29 -4.22
N LYS C 2 4.50 0.53 -2.93
CA LYS C 2 3.87 1.83 -2.79
C LYS C 2 2.71 1.74 -1.78
N TRP C 3 2.60 2.82 -1.00
CA TRP C 3 1.60 3.22 0.00
C TRP C 3 0.51 2.18 0.35
N LYS C 4 0.94 1.11 1.04
CA LYS C 4 0.20 -0.03 1.61
C LYS C 4 -1.23 -0.28 1.06
N HSE C 5 -1.30 -0.93 -0.10
CA HSE C 5 -2.42 -1.66 -0.68
C HSE C 5 -2.73 -2.94 0.11
C3 HSE C 5 -2.06 -1.97 -2.14
O HSE C 5 -3.88 -3.16 0.48
C4 HSE C 5 -2.36 -0.73 -2.99
O3 HSE C 5 -3.73 -0.78 -3.34
H HSE C 5 -0.45 -1.12 -0.61
HA HSE C 5 -3.31 -1.02 -0.66
H31 HSE C 5 -1.03 -2.33 -2.23
H32 HSE C 5 -2.66 -2.77 -2.51
H41 HSE C 5 -2.12 0.15 -2.41
H42 HSE C 5 -1.75 -0.74 -3.88
N ALA C 6 -1.70 -3.76 0.36
CA ALA C 6 -1.67 -4.94 1.21
C ALA C 6 -2.33 -4.68 2.56
P1 PGN A 6 -4.26 -0.39 -4.68
O4P PGN A 6 -3.24 -0.69 -5.72
O5P PGN A 6 -5.57 -1.06 -4.77
P PGN A 6 -9.20 3.04 -2.24
OP1 PGN A 6 -9.75 4.41 -2.04
OP2 PGN A 6 -9.91 2.11 -3.15
O5' PGN A 6 -7.70 3.18 -2.76
C5' PGN A 6 -7.37 3.43 -4.10
C4' PGN A 6 -5.85 3.21 -4.26
O4' PGN A 6 -5.14 4.18 -3.54
C3' PGN A 6 -5.43 1.81 -3.78
O3' PGN A 6 -4.51 1.21 -4.69
C2' PGN A 6 -4.71 2.18 -2.48
C1' PGN A 6 -4.11 3.52 -2.85
N9 PGN A 6 -3.59 4.31 -1.72
C8 PGN A 6 -3.58 3.95 -0.41
N7 PGN A 6 -2.89 4.73 0.38
C5 PGN A 6 -2.38 5.69 -0.48
C6 PGN A 6 -1.52 6.80 -0.22
O6 PGN A 6 -0.99 7.14 0.84
N1 PGN A 6 -1.25 7.55 -1.37
C2 PGN A 6 -1.79 7.29 -2.61
N2 PGN A 6 -1.48 8.15 -3.57
N3 PGN A 6 -2.58 6.24 -2.88
C4 PGN A 6 -2.84 5.48 -1.77
H5' PGN A 6 -7.63 4.46 -4.37
H5'' PGN A 6 -7.91 2.75 -4.75
H4' PGN A 6 -5.56 3.29 -5.29
H3' PGN A 6 -6.30 1.17 -3.64
H2' PGN A 6 -5.42 2.27 -1.68
H2'' PGN A 6 -3.92 1.51 -2.18
H1' PGN A 6 -3.30 3.26 -3.52
H8 PGN A 6 -4.13 3.07 -0.14
HN1 PGN A 6 -0.63 8.34 -1.27
HN21 PGN A 6 -0.80 8.88 -3.39
HN22 PGN A 6 -1.87 8.04 -4.49
C ACE C 1 5.69 0.38 -5.07
O ACE C 1 6.60 1.16 -5.31
CH3 ACE C 1 5.76 -1.07 -5.55
H1 ACE C 1 5.54 -1.75 -4.72
H2 ACE C 1 5.03 -1.23 -6.34
H3 ACE C 1 6.75 -1.29 -5.92
N LYS C 2 4.57 0.72 -4.41
CA LYS C 2 4.21 2.07 -3.98
C LYS C 2 3.08 2.00 -2.93
N TRP C 3 3.11 3.04 -2.08
CA TRP C 3 2.23 3.40 -0.97
C TRP C 3 1.28 2.31 -0.43
N LYS C 4 1.89 1.25 0.13
CA LYS C 4 1.36 0.06 0.81
C LYS C 4 -0.17 -0.10 0.74
N HSE C 5 -0.60 -0.79 -0.33
CA HSE C 5 -1.89 -1.42 -0.57
C HSE C 5 -2.08 -2.64 0.32
C3 HSE C 5 -1.91 -1.83 -2.05
O HSE C 5 -1.13 -3.25 0.82
C4 HSE C 5 -2.26 -0.65 -2.95
O3 HSE C 5 -3.64 -0.70 -3.23
H HSE C 5 0.07 -1.09 -1.03
HA HSE C 5 -2.69 -0.71 -0.37
H31 HSE C 5 -0.97 -2.32 -2.31
H32 HSE C 5 -2.65 -2.59 -2.22
H41 HSE C 5 -1.97 0.28 -2.45
H42 HSE C 5 -1.71 -0.72 -3.87
N ALA C 6 -3.35 -3.00 0.49
CA ALA C 6 -3.89 -3.99 1.41
C ALA C 6 -3.25 -3.89 2.80
P1 PGN A 6 -3.89 -0.41 -4.59
O4P PGN A 6 -2.72 -0.59 -5.48
O5P PGN A 6 -5.13 -1.16 -4.86
P PGN A 6 -9.15 3.02 -2.28
OP1 PGN A 6 -9.55 4.44 -2.09
OP2 PGN A 6 -9.95 2.16 -3.18
O5' PGN A 6 -7.63 2.99 -2.79
C5' PGN A 6 -7.27 3.25 -4.15
C4' PGN A 6 -5.75 3.04 -4.28
O4' PGN A 6 -5.07 4.06 -3.59
C3' PGN A 6 -5.29 1.67 -3.76
O3' PGN A 6 -4.26 1.16 -4.59
C2' PGN A 6 -4.69 2.09 -2.42
C1' PGN A 6 -4.08 3.42 -2.82
N9 PGN A 6 -3.62 4.26 -1.71
C8 PGN A 6 -3.62 3.91 -0.40
N7 PGN A 6 -2.95 4.70 0.38
C5 PGN A 6 -2.47 5.67 -0.49
C6 PGN A 6 -1.63 6.79 -0.21
O6 PGN A 6 -1.13 7.13 0.86
N1 PGN A 6 -1.35 7.55 -1.36
C2 PGN A 6 -1.88 7.28 -2.61
N2 PGN A 6 -1.56 8.11 -3.59
N3 PGN A 6 -2.66 6.21 -2.87
C4 PGN A 6 -2.91 5.45 -1.77
H5' PGN A 6 -7.52 4.27 -4.41
H5'' PGN A 6 -7.78 2.56 -4.80
H4' PGN A 6 -5.43 3.12 -5.30
H3' PGN A 6 -6.14 0.98 -3.70
H2' PGN A 6 -5.46 2.23 -1.68
H2'' PGN A 6 -3.91 1.45 -2.06
H1' PGN A 6 -3.24 3.12 -3.41
H8 PGN A 6 -4.15 3.03 -0.12
HN1 PGN A 6 -0.71 8.31 -1.23
HN21 PGN A 6 -0.89 8.86 -3.44
HN22 PGN A 6 -1.93 7.93 -4.52
C ACE C 1 2.51 -0.98 1.28
O ACE C 1 1.34 -1.32 1.13
CH3 ACE C 1 3.13 -1.00 2.66
H1 ACE C 1 3.15 0.01 3.07
H2 ACE C 1 2.56 -1.65 3.32
H3 ACE C 1 4.16 -1.38 2.61
N LYS C 2 3.31 -0.57 0.29
CA LYS C 2 2.95 -0.19 -1.09
C LYS C 2 1.67 0.66 -1.10
N TRP C 3 1.85 1.98 -0.99
CA TRP C 3 0.86 2.93 -0.50
C TRP C 3 0.52 2.53 0.95
N LYS C 4 -0.64 1.85 1.04
CA LYS C 4 -1.35 1.26 2.16
C LYS C 4 -2.30 0.14 1.66
N HSE C 5 -2.07 -0.38 0.43
CA HSE C 5 -2.74 -1.49 -0.23
C HSE C 5 -2.82 -2.73 0.69
C3 HSE C 5 -2.00 -1.80 -1.53
O HSE C 5 -3.91 -3.22 0.97
C4 HSE C 5 -2.13 -0.67 -2.57
O3 HSE C 5 -3.46 -0.74 -3.07
H HSE C 5 -1.30 -0.08 -0.13
HA HSE C 5 -3.74 -1.17 -0.48
H31 HSE C 5 -0.97 -2.13 -1.33
H32 HSE C 5 -2.47 -2.65 -2.00
H41 HSE C 5 -1.91 0.29 -2.09
H42 HSE C 5 -1.42 -0.78 -3.38
N ALA C 6 -1.66 -3.18 1.17
CA ALA C 6 -1.47 -4.17 2.24
C ALA C 6 -2.29 -3.81 3.48
#